data_5ZF1
#
_entry.id   5ZF1
#
_cell.length_a   89.789
_cell.length_b   89.789
_cell.length_c   127.306
_cell.angle_alpha   90.00
_cell.angle_beta   90.00
_cell.angle_gamma   90.00
#
_symmetry.space_group_name_H-M   'P 43'
#
loop_
_entity.id
_entity.type
_entity.pdbx_description
1 polymer '5,10-methylenetetrahydrofolate dehydrogenase'
2 non-polymer 'SULFATE ION'
3 non-polymer 1,2-ETHANEDIOL
4 water water
#
_entity_poly.entity_id   1
_entity_poly.type   'polypeptide(L)'
_entity_poly.pdbx_seq_one_letter_code
;MARILDGKALAMEIKKELKQKIAQWVSLGNRAPTIRCIIVGDDPASHTYVRNKVEAAKFVGIDALTINRDSDITEEQLLS
EIQNLNEDNSVDGILVQLPVPDTINERRVCDAIAPEKDIDGFHIINIGRLCVDLPTIVPATALAVVEMLKRFNIDTFGRN
AVVIGRSKNVGMPIAMMLHSDKRHESGLGMDATVTICHRYTPKDKLEAYCRNADIIITATGLPKLIKADMVKPGATIIDV
GITTRTDENGKSRLVGDVDYEEVSKIAGAITPVPGGVGPMTVAMLMHNTFQAAQSQANKSN
;
_entity_poly.pdbx_strand_id   A,B
#
# COMPACT_ATOMS: atom_id res chain seq x y z
N MET A 1 7.42 36.07 0.14
CA MET A 1 6.21 35.28 0.27
C MET A 1 6.35 33.96 -0.49
N ALA A 2 5.51 32.99 -0.14
CA ALA A 2 5.53 31.71 -0.85
C ALA A 2 5.14 31.87 -2.31
N ARG A 3 5.84 31.12 -3.16
CA ARG A 3 5.34 30.88 -4.51
C ARG A 3 3.96 30.22 -4.45
N ILE A 4 3.01 30.78 -5.19
CA ILE A 4 1.66 30.23 -5.25
C ILE A 4 1.57 29.25 -6.42
N LEU A 5 1.36 27.97 -6.10
CA LEU A 5 1.28 26.93 -7.13
C LEU A 5 -0.14 26.93 -7.70
N ASP A 6 -0.28 27.49 -8.90
CA ASP A 6 -1.60 27.72 -9.50
C ASP A 6 -2.07 26.43 -10.15
N GLY A 7 -2.82 25.64 -9.39
CA GLY A 7 -3.31 24.37 -9.90
C GLY A 7 -4.36 24.53 -10.97
N LYS A 8 -5.19 25.58 -10.87
CA LYS A 8 -6.17 25.86 -11.92
C LYS A 8 -5.49 26.06 -13.26
N ALA A 9 -4.44 26.88 -13.28
CA ALA A 9 -3.75 27.17 -14.53
C ALA A 9 -2.98 25.95 -15.03
N LEU A 10 -2.38 25.17 -14.13
CA LEU A 10 -1.71 23.95 -14.58
C LEU A 10 -2.73 22.95 -15.14
N ALA A 11 -3.90 22.84 -14.48
CA ALA A 11 -4.92 21.92 -14.97
C ALA A 11 -5.38 22.30 -16.37
N MET A 12 -5.53 23.60 -16.63
CA MET A 12 -5.89 24.05 -17.98
C MET A 12 -4.83 23.65 -18.99
N GLU A 13 -3.55 23.84 -18.65
CA GLU A 13 -2.45 23.42 -19.50
C GLU A 13 -2.55 21.93 -19.83
N ILE A 14 -2.83 21.11 -18.82
CA ILE A 14 -2.93 19.67 -19.02
C ILE A 14 -4.17 19.32 -19.84
N LYS A 15 -5.28 20.01 -19.59
CA LYS A 15 -6.51 19.73 -20.34
C LYS A 15 -6.35 20.11 -21.82
N LYS A 16 -5.59 21.15 -22.13
CA LYS A 16 -5.36 21.49 -23.52
C LYS A 16 -4.48 20.43 -24.20
N GLU A 17 -3.48 19.91 -23.49
CA GLU A 17 -2.70 18.79 -24.02
C GLU A 17 -3.60 17.59 -24.29
N LEU A 18 -4.41 17.22 -23.31
CA LEU A 18 -5.31 16.07 -23.46
C LEU A 18 -6.25 16.24 -24.64
N LYS A 19 -6.82 17.43 -24.81
CA LYS A 19 -7.74 17.68 -25.91
C LYS A 19 -7.08 17.35 -27.24
N GLN A 20 -5.81 17.74 -27.39
CA GLN A 20 -5.08 17.47 -28.63
C GLN A 20 -4.78 15.98 -28.77
N LYS A 21 -4.26 15.35 -27.71
CA LYS A 21 -3.92 13.93 -27.81
C LYS A 21 -5.15 13.06 -28.01
N ILE A 22 -6.30 13.45 -27.43
CA ILE A 22 -7.50 12.66 -27.64
C ILE A 22 -7.96 12.78 -29.10
N ALA A 23 -7.93 13.99 -29.65
CA ALA A 23 -8.39 14.19 -31.03
C ALA A 23 -7.51 13.43 -32.01
N GLN A 24 -6.20 13.45 -31.79
CA GLN A 24 -5.28 12.67 -32.60
C GLN A 24 -5.57 11.18 -32.53
N TRP A 25 -5.84 10.67 -31.33
CA TRP A 25 -6.16 9.26 -31.16
C TRP A 25 -7.49 8.92 -31.82
N VAL A 26 -8.50 9.79 -31.65
CA VAL A 26 -9.79 9.55 -32.29
C VAL A 26 -9.62 9.48 -33.81
N SER A 27 -8.78 10.36 -34.37
CA SER A 27 -8.57 10.45 -35.81
CA SER A 27 -8.60 10.44 -35.82
C SER A 27 -7.94 9.20 -36.40
N LEU A 28 -7.41 8.30 -35.58
CA LEU A 28 -6.86 7.05 -36.06
C LEU A 28 -7.92 5.99 -36.26
N GLY A 29 -9.19 6.29 -35.95
CA GLY A 29 -10.27 5.35 -36.13
C GLY A 29 -10.91 4.90 -34.84
N ASN A 30 -10.78 5.70 -33.79
CA ASN A 30 -11.30 5.37 -32.47
C ASN A 30 -12.46 6.27 -32.10
N ARG A 31 -13.38 5.72 -31.32
CA ARG A 31 -14.44 6.50 -30.69
C ARG A 31 -13.90 7.30 -29.52
N ALA A 32 -14.43 8.52 -29.34
CA ALA A 32 -14.02 9.34 -28.20
C ALA A 32 -14.27 8.60 -26.89
N PRO A 33 -13.40 8.79 -25.88
CA PRO A 33 -13.64 8.12 -24.59
C PRO A 33 -14.94 8.56 -23.96
N THR A 34 -15.64 7.60 -23.37
CA THR A 34 -16.92 7.84 -22.73
C THR A 34 -16.84 7.53 -21.24
N ILE A 35 -17.59 8.28 -20.47
CA ILE A 35 -17.60 8.17 -19.02
C ILE A 35 -19.04 8.24 -18.55
N ARG A 36 -19.39 7.36 -17.62
CA ARG A 36 -20.67 7.41 -16.93
CA ARG A 36 -20.67 7.41 -16.93
C ARG A 36 -20.40 7.63 -15.45
N CYS A 37 -20.97 8.69 -14.89
CA CYS A 37 -20.84 9.03 -13.48
CA CYS A 37 -20.84 8.99 -13.48
C CYS A 37 -22.17 8.73 -12.79
N ILE A 38 -22.13 7.94 -11.72
CA ILE A 38 -23.31 7.58 -10.95
C ILE A 38 -23.33 8.40 -9.67
N ILE A 39 -24.43 9.11 -9.43
CA ILE A 39 -24.65 9.89 -8.22
C ILE A 39 -25.90 9.34 -7.53
N VAL A 40 -25.82 9.16 -6.22
CA VAL A 40 -26.94 8.74 -5.38
C VAL A 40 -27.26 9.87 -4.43
N GLY A 41 -28.48 10.38 -4.51
CA GLY A 41 -28.93 11.45 -3.63
C GLY A 41 -28.72 12.82 -4.22
N ASP A 42 -28.82 13.83 -3.36
CA ASP A 42 -28.63 15.23 -3.73
C ASP A 42 -27.44 15.80 -2.96
N ASP A 43 -27.17 17.09 -3.19
CA ASP A 43 -26.06 17.77 -2.54
C ASP A 43 -26.54 19.04 -1.83
N HIS A 47 -23.09 16.82 -6.44
CA HIS A 47 -23.49 17.13 -7.81
C HIS A 47 -22.58 18.18 -8.42
N THR A 48 -22.11 19.11 -7.58
CA THR A 48 -21.26 20.20 -8.07
C THR A 48 -19.93 19.66 -8.59
N TYR A 49 -19.31 18.73 -7.86
CA TYR A 49 -18.15 18.02 -8.39
C TYR A 49 -18.45 17.45 -9.76
N VAL A 50 -19.63 16.85 -9.92
CA VAL A 50 -19.97 16.19 -11.18
C VAL A 50 -20.16 17.21 -12.28
N ARG A 51 -20.70 18.39 -11.95
CA ARG A 51 -20.72 19.49 -12.90
C ARG A 51 -19.31 19.81 -13.38
N ASN A 52 -18.34 19.83 -12.46
CA ASN A 52 -16.96 20.11 -12.82
C ASN A 52 -16.38 19.01 -13.68
N LYS A 53 -16.66 17.76 -13.34
CA LYS A 53 -16.17 16.63 -14.14
C LYS A 53 -16.75 16.69 -15.55
N VAL A 54 -18.05 16.94 -15.66
CA VAL A 54 -18.71 16.94 -16.96
C VAL A 54 -18.24 18.13 -17.80
N GLU A 55 -17.93 19.26 -17.14
CA GLU A 55 -17.43 20.42 -17.87
C GLU A 55 -16.04 20.16 -18.45
N ALA A 56 -15.14 19.55 -17.66
CA ALA A 56 -13.81 19.25 -18.18
C ALA A 56 -13.87 18.18 -19.27
N ALA A 57 -14.76 17.20 -19.12
CA ALA A 57 -14.90 16.18 -20.15
C ALA A 57 -15.30 16.81 -21.49
N LYS A 58 -16.29 17.70 -21.45
CA LYS A 58 -16.69 18.38 -22.68
C LYS A 58 -15.54 19.18 -23.28
N PHE A 59 -14.74 19.83 -22.43
CA PHE A 59 -13.62 20.63 -22.93
C PHE A 59 -12.60 19.77 -23.67
N VAL A 60 -12.30 18.57 -23.17
CA VAL A 60 -11.22 17.79 -23.75
C VAL A 60 -11.69 16.81 -24.82
N GLY A 61 -12.99 16.66 -25.02
CA GLY A 61 -13.50 15.75 -26.02
C GLY A 61 -13.92 14.41 -25.49
N ILE A 62 -14.15 14.28 -24.21
CA ILE A 62 -14.70 13.07 -23.63
C ILE A 62 -16.21 13.21 -23.54
N ASP A 63 -16.93 12.13 -23.84
CA ASP A 63 -18.39 12.11 -23.78
C ASP A 63 -18.81 11.60 -22.42
N ALA A 64 -19.45 12.47 -21.64
CA ALA A 64 -19.86 12.16 -20.27
C ALA A 64 -21.38 12.17 -20.18
N LEU A 65 -21.92 11.20 -19.44
CA LEU A 65 -23.33 11.22 -19.05
C LEU A 65 -23.39 10.95 -17.56
N THR A 66 -24.32 11.61 -16.89
CA THR A 66 -24.53 11.41 -15.46
C THR A 66 -25.78 10.58 -15.24
N ILE A 67 -25.69 9.57 -14.39
CA ILE A 67 -26.82 8.73 -14.02
C ILE A 67 -27.20 9.10 -12.60
N ASN A 68 -28.39 9.68 -12.43
CA ASN A 68 -28.88 10.10 -11.12
C ASN A 68 -29.77 9.00 -10.55
N ARG A 69 -29.54 8.66 -9.29
CA ARG A 69 -30.34 7.68 -8.58
C ARG A 69 -30.78 8.27 -7.25
N ASP A 70 -31.98 7.90 -6.82
CA ASP A 70 -32.50 8.41 -5.55
C ASP A 70 -31.80 7.73 -4.39
N SER A 71 -31.76 8.43 -3.25
CA SER A 71 -30.89 8.04 -2.15
C SER A 71 -31.28 6.73 -1.48
N ASP A 72 -32.44 6.17 -1.79
CA ASP A 72 -32.89 4.92 -1.17
C ASP A 72 -32.71 3.72 -2.08
N ILE A 73 -31.79 3.80 -3.04
CA ILE A 73 -31.45 2.64 -3.85
C ILE A 73 -30.74 1.60 -2.99
N THR A 74 -31.00 0.33 -3.25
CA THR A 74 -30.33 -0.73 -2.52
C THR A 74 -28.98 -1.05 -3.15
N GLU A 75 -28.18 -1.84 -2.43
CA GLU A 75 -26.88 -2.25 -2.94
C GLU A 75 -27.02 -3.07 -4.21
N GLU A 76 -27.90 -4.06 -4.19
CA GLU A 76 -28.09 -4.93 -5.36
C GLU A 76 -28.49 -4.11 -6.58
N GLN A 77 -29.30 -3.07 -6.39
CA GLN A 77 -29.67 -2.23 -7.52
C GLN A 77 -28.45 -1.46 -8.03
N LEU A 78 -27.71 -0.83 -7.12
CA LEU A 78 -26.51 -0.10 -7.53
C LEU A 78 -25.51 -1.04 -8.19
N LEU A 79 -25.36 -2.26 -7.66
CA LEU A 79 -24.42 -3.22 -8.24
C LEU A 79 -24.92 -3.77 -9.57
N SER A 80 -26.23 -3.90 -9.74
CA SER A 80 -26.75 -4.29 -11.06
C SER A 80 -26.58 -3.16 -12.07
N GLU A 81 -26.69 -1.92 -11.62
CA GLU A 81 -26.43 -0.77 -12.49
C GLU A 81 -24.98 -0.77 -12.96
N ILE A 82 -24.05 -1.09 -12.06
CA ILE A 82 -22.64 -1.14 -12.42
C ILE A 82 -22.36 -2.30 -13.36
N GLN A 83 -22.98 -3.45 -13.11
CA GLN A 83 -22.78 -4.62 -13.96
CA GLN A 83 -22.74 -4.61 -13.97
C GLN A 83 -23.17 -4.33 -15.40
N ASN A 84 -24.36 -3.74 -15.59
CA ASN A 84 -24.80 -3.39 -16.93
C ASN A 84 -23.78 -2.50 -17.63
N LEU A 85 -23.22 -1.54 -16.90
CA LEU A 85 -22.23 -0.65 -17.49
C LEU A 85 -20.93 -1.39 -17.79
N ASN A 86 -20.57 -2.39 -16.96
CA ASN A 86 -19.39 -3.18 -17.27
C ASN A 86 -19.50 -3.87 -18.61
N GLU A 87 -20.68 -4.40 -18.93
CA GLU A 87 -20.89 -5.16 -20.15
C GLU A 87 -21.24 -4.28 -21.34
N ASP A 88 -21.46 -2.99 -21.12
CA ASP A 88 -21.83 -2.04 -22.17
C ASP A 88 -20.58 -1.60 -22.92
N ASN A 89 -20.40 -2.10 -24.15
CA ASN A 89 -19.21 -1.80 -24.94
C ASN A 89 -19.10 -0.34 -25.35
N SER A 90 -20.17 0.45 -25.20
CA SER A 90 -20.13 1.87 -25.50
C SER A 90 -19.60 2.70 -24.33
N VAL A 91 -19.39 2.09 -23.17
CA VAL A 91 -18.95 2.78 -21.97
C VAL A 91 -17.51 2.39 -21.71
N ASP A 92 -16.61 3.38 -21.66
CA ASP A 92 -15.21 3.12 -21.39
C ASP A 92 -14.85 3.29 -19.93
N GLY A 93 -15.54 4.21 -19.25
CA GLY A 93 -15.22 4.54 -17.88
C GLY A 93 -16.44 4.69 -17.00
N ILE A 94 -16.32 4.20 -15.77
CA ILE A 94 -17.41 4.22 -14.78
C ILE A 94 -16.86 4.85 -13.51
N LEU A 95 -17.60 5.82 -12.96
CA LEU A 95 -17.36 6.33 -11.61
C LEU A 95 -18.63 6.29 -10.81
N VAL A 96 -18.48 6.06 -9.51
CA VAL A 96 -19.54 6.25 -8.55
C VAL A 96 -19.13 7.43 -7.69
N GLN A 97 -19.95 8.48 -7.68
CA GLN A 97 -19.67 9.64 -6.85
C GLN A 97 -19.85 9.27 -5.38
N LEU A 98 -18.77 8.86 -4.73
CA LEU A 98 -18.79 8.75 -3.28
C LEU A 98 -18.77 10.15 -2.69
N PRO A 99 -19.53 10.42 -1.61
CA PRO A 99 -20.21 9.55 -0.62
C PRO A 99 -21.47 8.80 -1.09
N VAL A 100 -21.55 7.55 -0.68
CA VAL A 100 -22.73 6.70 -0.87
C VAL A 100 -23.32 6.41 0.51
N PRO A 101 -24.61 6.12 0.63
CA PRO A 101 -25.20 5.89 1.95
C PRO A 101 -24.54 4.74 2.69
N ASP A 102 -24.68 4.76 4.02
CA ASP A 102 -24.04 3.78 4.88
C ASP A 102 -24.58 2.37 4.66
N THR A 103 -25.82 2.24 4.16
CA THR A 103 -26.31 0.92 3.80
C THR A 103 -25.52 0.33 2.63
N ILE A 104 -24.86 1.18 1.86
CA ILE A 104 -24.03 0.74 0.75
C ILE A 104 -22.62 0.46 1.29
N ASN A 105 -22.12 -0.74 1.00
CA ASN A 105 -20.75 -1.11 1.37
C ASN A 105 -19.81 -0.63 0.28
N GLU A 106 -18.97 0.36 0.62
CA GLU A 106 -18.09 0.99 -0.37
C GLU A 106 -17.16 -0.01 -1.03
N ARG A 107 -16.58 -0.93 -0.24
CA ARG A 107 -15.60 -1.86 -0.80
C ARG A 107 -16.24 -2.75 -1.86
N ARG A 108 -17.47 -3.21 -1.61
CA ARG A 108 -18.13 -4.06 -2.60
C ARG A 108 -18.41 -3.29 -3.87
N VAL A 109 -18.79 -2.02 -3.74
CA VAL A 109 -19.08 -1.21 -4.92
C VAL A 109 -17.80 -0.93 -5.71
N CYS A 110 -16.72 -0.61 -5.00
CA CYS A 110 -15.45 -0.38 -5.69
C CYS A 110 -15.02 -1.59 -6.49
N ASP A 111 -15.21 -2.80 -5.94
CA ASP A 111 -14.75 -3.98 -6.64
C ASP A 111 -15.75 -4.48 -7.67
N ALA A 112 -16.94 -3.88 -7.72
CA ALA A 112 -17.94 -4.24 -8.72
C ALA A 112 -17.67 -3.58 -10.07
N ILE A 113 -17.00 -2.43 -10.09
CA ILE A 113 -16.60 -1.81 -11.35
C ILE A 113 -15.50 -2.65 -12.00
N ALA A 114 -15.66 -2.93 -13.29
CA ALA A 114 -14.60 -3.62 -14.01
C ALA A 114 -13.29 -2.85 -13.86
N PRO A 115 -12.20 -3.50 -13.48
CA PRO A 115 -10.93 -2.76 -13.30
C PRO A 115 -10.51 -1.97 -14.52
N GLU A 116 -10.83 -2.48 -15.71
CA GLU A 116 -10.46 -1.81 -16.96
C GLU A 116 -11.23 -0.50 -17.17
N LYS A 117 -12.38 -0.34 -16.51
CA LYS A 117 -13.22 0.85 -16.63
C LYS A 117 -13.19 1.70 -15.37
N ASP A 118 -12.34 1.36 -14.40
CA ASP A 118 -12.41 1.94 -13.06
C ASP A 118 -11.55 3.21 -13.04
N ILE A 119 -12.13 4.30 -13.52
CA ILE A 119 -11.43 5.57 -13.74
CA ILE A 119 -11.28 5.45 -13.73
C ILE A 119 -10.89 6.15 -12.44
N ASP A 120 -11.56 5.88 -11.31
CA ASP A 120 -11.11 6.37 -10.01
C ASP A 120 -9.92 5.59 -9.46
N GLY A 121 -9.66 4.39 -9.99
CA GLY A 121 -8.54 3.61 -9.51
C GLY A 121 -8.77 2.99 -8.15
N PHE A 122 -10.02 2.85 -7.74
CA PHE A 122 -10.32 2.32 -6.41
C PHE A 122 -10.52 0.81 -6.37
N HIS A 123 -10.64 0.14 -7.51
CA HIS A 123 -10.75 -1.32 -7.50
C HIS A 123 -9.51 -1.92 -6.85
N ILE A 124 -9.70 -2.98 -6.06
CA ILE A 124 -8.58 -3.55 -5.31
C ILE A 124 -7.46 -4.00 -6.24
N ILE A 125 -7.78 -4.42 -7.46
CA ILE A 125 -6.75 -4.82 -8.41
C ILE A 125 -5.92 -3.62 -8.84
N ASN A 126 -6.57 -2.49 -9.10
CA ASN A 126 -5.84 -1.29 -9.48
C ASN A 126 -5.00 -0.77 -8.30
N ILE A 127 -5.54 -0.84 -7.09
CA ILE A 127 -4.78 -0.41 -5.90
C ILE A 127 -3.58 -1.34 -5.69
N GLY A 128 -3.80 -2.66 -5.80
CA GLY A 128 -2.72 -3.60 -5.59
C GLY A 128 -1.57 -3.39 -6.54
N ARG A 129 -1.89 -3.11 -7.81
CA ARG A 129 -0.83 -2.82 -8.78
CA ARG A 129 -0.84 -2.81 -8.78
C ARG A 129 -0.09 -1.54 -8.41
N LEU A 130 -0.81 -0.51 -7.96
CA LEU A 130 -0.16 0.71 -7.50
C LEU A 130 0.87 0.39 -6.42
N CYS A 131 0.47 -0.44 -5.45
CA CYS A 131 1.30 -0.65 -4.28
C CYS A 131 2.53 -1.51 -4.56
N VAL A 132 2.55 -2.26 -5.67
CA VAL A 132 3.79 -2.95 -6.06
C VAL A 132 4.48 -2.26 -7.22
N ASP A 133 4.09 -1.02 -7.52
CA ASP A 133 4.80 -0.14 -8.47
C ASP A 133 4.65 -0.61 -9.90
N LEU A 134 3.50 -1.19 -10.22
CA LEU A 134 3.15 -1.54 -11.59
C LEU A 134 2.30 -0.45 -12.22
N PRO A 135 2.36 -0.29 -13.55
CA PRO A 135 1.42 0.62 -14.20
C PRO A 135 -0.01 0.24 -13.85
N THR A 136 -0.84 1.25 -13.60
CA THR A 136 -2.20 1.00 -13.16
C THR A 136 -3.02 2.25 -13.45
N ILE A 137 -4.30 2.20 -13.11
CA ILE A 137 -5.11 3.41 -13.05
C ILE A 137 -4.95 3.97 -11.65
N VAL A 138 -4.30 5.12 -11.55
CA VAL A 138 -3.90 5.73 -10.28
C VAL A 138 -5.03 6.62 -9.76
N PRO A 139 -5.40 6.56 -8.48
CA PRO A 139 -6.41 7.49 -7.95
C PRO A 139 -6.07 8.93 -8.31
N ALA A 140 -7.09 9.67 -8.73
CA ALA A 140 -6.86 10.93 -9.47
C ALA A 140 -6.27 12.02 -8.59
N THR A 141 -6.72 12.13 -7.33
CA THR A 141 -6.16 13.16 -6.45
C THR A 141 -4.70 12.87 -6.14
N ALA A 142 -4.37 11.60 -5.93
CA ALA A 142 -2.97 11.26 -5.70
C ALA A 142 -2.11 11.53 -6.94
N LEU A 143 -2.60 11.15 -8.12
CA LEU A 143 -1.87 11.43 -9.34
C LEU A 143 -1.73 12.94 -9.56
N ALA A 144 -2.77 13.71 -9.22
CA ALA A 144 -2.68 15.17 -9.28
C ALA A 144 -1.54 15.70 -8.42
N VAL A 145 -1.41 15.21 -7.18
CA VAL A 145 -0.34 15.69 -6.32
C VAL A 145 1.02 15.38 -6.93
N VAL A 146 1.20 14.15 -7.42
CA VAL A 146 2.49 13.77 -7.98
C VAL A 146 2.80 14.60 -9.22
N GLU A 147 1.78 14.84 -10.05
CA GLU A 147 1.99 15.62 -11.27
C GLU A 147 2.28 17.08 -10.95
N MET A 148 1.65 17.61 -9.90
CA MET A 148 1.97 18.97 -9.47
C MET A 148 3.42 19.07 -8.96
N LEU A 149 3.88 18.09 -8.17
CA LEU A 149 5.27 18.14 -7.71
C LEU A 149 6.25 18.14 -8.89
N LYS A 150 5.93 17.37 -9.93
CA LYS A 150 6.81 17.30 -11.10
C LYS A 150 6.72 18.57 -11.93
N ARG A 151 5.51 19.03 -12.22
CA ARG A 151 5.35 20.16 -13.14
C ARG A 151 5.81 21.48 -12.51
N PHE A 152 5.72 21.60 -11.19
CA PHE A 152 6.21 22.77 -10.50
C PHE A 152 7.67 22.61 -10.05
N ASN A 153 8.34 21.54 -10.49
CA ASN A 153 9.78 21.31 -10.23
C ASN A 153 10.11 21.35 -8.75
N ILE A 154 9.31 20.62 -7.96
CA ILE A 154 9.59 20.43 -6.54
C ILE A 154 10.47 19.19 -6.40
N ASP A 155 11.67 19.38 -5.89
CA ASP A 155 12.60 18.26 -5.76
C ASP A 155 12.08 17.31 -4.68
N THR A 156 12.13 16.00 -4.97
CA THR A 156 11.71 14.98 -4.02
C THR A 156 12.80 13.99 -3.67
N PHE A 157 13.81 13.84 -4.52
CA PHE A 157 14.79 12.79 -4.34
C PHE A 157 15.50 12.93 -3.00
N GLY A 158 15.30 11.98 -2.08
CA GLY A 158 15.97 12.01 -0.78
C GLY A 158 15.51 13.13 0.13
N ARG A 159 14.44 13.82 -0.23
CA ARG A 159 13.92 14.91 0.61
C ARG A 159 13.05 14.34 1.72
N ASN A 160 12.93 15.10 2.81
CA ASN A 160 12.01 14.78 3.91
C ASN A 160 10.59 15.20 3.57
N ALA A 161 9.65 14.26 3.53
CA ALA A 161 8.26 14.59 3.23
C ALA A 161 7.38 14.05 4.32
N VAL A 162 6.27 14.75 4.56
CA VAL A 162 5.25 14.33 5.53
C VAL A 162 3.92 14.25 4.79
N VAL A 163 3.21 13.13 4.92
CA VAL A 163 1.86 13.02 4.39
C VAL A 163 0.96 12.91 5.60
N ILE A 164 -0.01 13.81 5.71
CA ILE A 164 -0.96 13.77 6.83
C ILE A 164 -2.29 13.19 6.34
N GLY A 165 -2.68 12.06 6.92
CA GLY A 165 -3.84 11.33 6.43
C GLY A 165 -3.49 10.00 5.82
N ARG A 166 -4.26 8.97 6.18
CA ARG A 166 -4.08 7.61 5.71
C ARG A 166 -5.19 7.14 4.78
N SER A 167 -6.05 8.04 4.30
CA SER A 167 -7.26 7.57 3.64
C SER A 167 -6.91 6.66 2.46
N LYS A 168 -7.72 5.61 2.26
CA LYS A 168 -7.40 4.61 1.24
C LYS A 168 -7.41 5.23 -0.16
N ASN A 169 -8.25 6.24 -0.39
CA ASN A 169 -8.38 6.83 -1.72
C ASN A 169 -7.36 7.93 -2.01
N VAL A 170 -6.81 8.59 -0.99
CA VAL A 170 -5.99 9.78 -1.21
C VAL A 170 -4.68 9.69 -0.45
N GLY A 171 -4.75 9.67 0.88
CA GLY A 171 -3.53 9.71 1.68
C GLY A 171 -2.62 8.53 1.43
N MET A 172 -3.18 7.33 1.39
CA MET A 172 -2.35 6.15 1.19
C MET A 172 -1.68 6.13 -0.17
N PRO A 173 -2.36 6.36 -1.29
CA PRO A 173 -1.64 6.32 -2.58
C PRO A 173 -0.63 7.44 -2.73
N ILE A 174 -0.88 8.62 -2.16
CA ILE A 174 0.13 9.69 -2.18
C ILE A 174 1.39 9.22 -1.49
N ALA A 175 1.25 8.72 -0.26
CA ALA A 175 2.45 8.29 0.45
C ALA A 175 3.15 7.15 -0.27
N MET A 176 2.37 6.28 -0.92
CA MET A 176 2.95 5.15 -1.65
C MET A 176 3.82 5.64 -2.80
N MET A 177 3.28 6.51 -3.65
CA MET A 177 4.10 6.95 -4.78
C MET A 177 5.25 7.83 -4.31
N LEU A 178 5.02 8.66 -3.29
CA LEU A 178 6.03 9.63 -2.90
C LEU A 178 7.32 8.96 -2.44
N HIS A 179 7.23 7.82 -1.72
CA HIS A 179 8.42 7.18 -1.18
C HIS A 179 9.04 6.13 -2.11
N SER A 180 8.36 5.77 -3.21
CA SER A 180 8.69 4.56 -3.97
C SER A 180 9.78 4.84 -5.01
N ASP A 181 10.33 3.76 -5.55
CA ASP A 181 11.48 3.81 -6.46
C ASP A 181 11.04 4.14 -7.88
N LYS A 182 11.53 5.26 -8.43
CA LYS A 182 11.21 5.65 -9.80
C LYS A 182 11.73 4.65 -10.84
N ARG A 183 12.73 3.85 -10.51
CA ARG A 183 13.23 2.85 -11.45
CA ARG A 183 13.25 2.84 -11.44
C ARG A 183 12.24 1.72 -11.69
N HIS A 184 11.25 1.55 -10.81
CA HIS A 184 10.30 0.47 -11.01
C HIS A 184 9.39 0.76 -12.19
N GLU A 185 8.63 -0.28 -12.60
CA GLU A 185 7.94 -0.25 -13.89
C GLU A 185 6.97 0.94 -14.00
N SER A 186 6.27 1.30 -12.91
CA SER A 186 5.31 2.39 -13.06
C SER A 186 5.99 3.73 -13.36
N GLY A 187 7.23 3.91 -12.90
CA GLY A 187 7.92 5.17 -13.08
C GLY A 187 7.34 6.37 -12.36
N LEU A 188 6.39 6.14 -11.45
CA LEU A 188 5.76 7.22 -10.70
C LEU A 188 6.40 7.45 -9.32
N GLY A 189 7.30 6.60 -8.88
CA GLY A 189 7.89 6.78 -7.56
C GLY A 189 8.73 8.06 -7.51
N MET A 190 8.74 8.71 -6.34
CA MET A 190 9.45 9.98 -6.21
CA MET A 190 9.41 10.00 -6.16
C MET A 190 10.64 9.91 -5.28
N ASP A 191 10.90 8.77 -4.65
CA ASP A 191 12.15 8.52 -3.91
C ASP A 191 12.37 9.51 -2.77
N ALA A 192 11.28 10.01 -2.20
CA ALA A 192 11.37 10.80 -0.98
C ALA A 192 11.34 9.90 0.23
N THR A 193 11.85 10.43 1.34
CA THR A 193 11.65 9.82 2.66
C THR A 193 10.31 10.32 3.18
N VAL A 194 9.43 9.42 3.60
CA VAL A 194 8.04 9.79 3.87
C VAL A 194 7.64 9.41 5.27
N THR A 195 7.15 10.37 6.02
CA THR A 195 6.50 10.10 7.31
C THR A 195 5.01 10.24 7.12
N ILE A 196 4.25 9.24 7.60
CA ILE A 196 2.80 9.24 7.52
C ILE A 196 2.28 9.60 8.91
N CYS A 197 1.67 10.76 9.02
CA CYS A 197 1.03 11.20 10.27
C CYS A 197 -0.47 11.08 10.11
N HIS A 198 -1.17 10.90 11.24
CA HIS A 198 -2.60 10.62 11.14
C HIS A 198 -3.25 11.08 12.44
N ARG A 199 -4.52 10.67 12.62
CA ARG A 199 -5.32 11.24 13.69
C ARG A 199 -4.83 10.84 15.07
N TYR A 200 -4.01 9.81 15.18
CA TYR A 200 -3.50 9.45 16.50
C TYR A 200 -2.05 9.85 16.71
N THR A 201 -1.42 10.51 15.74
CA THR A 201 -0.11 11.11 15.97
C THR A 201 -0.23 12.18 17.05
N PRO A 202 0.47 12.04 18.18
CA PRO A 202 0.35 13.07 19.22
C PRO A 202 0.78 14.43 18.69
N LYS A 203 0.15 15.47 19.23
CA LYS A 203 0.31 16.80 18.65
C LYS A 203 1.77 17.23 18.61
N ASP A 204 2.50 16.96 19.71
CA ASP A 204 3.91 17.32 19.78
CA ASP A 204 3.91 17.31 19.80
C ASP A 204 4.71 16.66 18.68
N LYS A 205 4.50 15.36 18.45
CA LYS A 205 5.26 14.66 17.44
C LYS A 205 4.84 15.08 16.03
N LEU A 206 3.55 15.36 15.84
CA LEU A 206 3.11 15.90 14.55
C LEU A 206 3.85 17.19 14.21
N GLU A 207 3.89 18.14 15.15
CA GLU A 207 4.58 19.40 14.88
C GLU A 207 6.06 19.19 14.63
N ALA A 208 6.68 18.21 15.31
CA ALA A 208 8.11 17.99 15.11
C ALA A 208 8.38 17.41 13.72
N TYR A 209 7.55 16.48 13.25
CA TYR A 209 7.76 15.98 11.89
C TYR A 209 7.54 17.06 10.85
N CYS A 210 6.48 17.86 11.04
CA CYS A 210 6.22 18.95 10.08
C CYS A 210 7.36 19.94 10.03
N ARG A 211 7.94 20.31 11.19
CA ARG A 211 9.02 21.28 11.18
CA ARG A 211 9.04 21.25 11.23
C ARG A 211 10.27 20.73 10.52
N ASN A 212 10.41 19.41 10.42
CA ASN A 212 11.56 18.74 9.86
C ASN A 212 11.41 18.51 8.36
N ALA A 213 10.25 18.82 7.80
CA ALA A 213 9.91 18.38 6.45
C ALA A 213 10.25 19.44 5.40
N ASP A 214 10.73 18.96 4.23
CA ASP A 214 10.86 19.80 3.05
C ASP A 214 9.54 19.90 2.27
N ILE A 215 8.70 18.87 2.36
CA ILE A 215 7.40 18.82 1.69
C ILE A 215 6.39 18.34 2.71
N ILE A 216 5.27 19.05 2.81
CA ILE A 216 4.11 18.61 3.59
C ILE A 216 2.93 18.47 2.64
N ILE A 217 2.35 17.28 2.60
CA ILE A 217 1.13 17.02 1.83
C ILE A 217 0.05 16.66 2.85
N THR A 218 -0.98 17.48 2.95
CA THR A 218 -2.01 17.25 3.98
C THR A 218 -3.36 16.96 3.34
N ALA A 219 -3.98 15.85 3.75
CA ALA A 219 -5.23 15.40 3.16
C ALA A 219 -6.14 14.83 4.25
N THR A 220 -6.41 15.63 5.28
CA THR A 220 -7.23 15.16 6.37
CA THR A 220 -7.21 15.22 6.42
C THR A 220 -8.57 15.87 6.51
N GLY A 221 -8.74 17.04 5.91
CA GLY A 221 -10.01 17.74 6.06
C GLY A 221 -10.20 18.34 7.43
N LEU A 222 -9.11 18.77 8.06
CA LEU A 222 -9.14 19.47 9.35
C LEU A 222 -8.65 20.89 9.15
N PRO A 223 -9.52 21.89 9.09
CA PRO A 223 -9.06 23.25 8.81
C PRO A 223 -8.10 23.75 9.89
N LYS A 224 -7.15 24.58 9.46
CA LYS A 224 -6.16 25.19 10.36
C LYS A 224 -5.26 24.16 11.02
N LEU A 225 -5.15 22.95 10.45
CA LEU A 225 -4.27 21.95 11.05
C LEU A 225 -2.81 22.37 10.99
N ILE A 226 -2.36 22.90 9.85
CA ILE A 226 -0.97 23.29 9.64
C ILE A 226 -0.83 24.78 9.94
N LYS A 227 -0.06 25.09 10.98
CA LYS A 227 0.19 26.46 11.41
C LYS A 227 1.61 26.88 11.04
N ALA A 228 1.83 28.21 11.07
CA ALA A 228 3.11 28.76 10.64
C ALA A 228 4.28 28.25 11.48
N ASP A 229 4.05 28.01 12.77
CA ASP A 229 5.16 27.53 13.59
C ASP A 229 5.43 26.04 13.40
N MET A 230 4.73 25.38 12.48
CA MET A 230 4.96 23.97 12.17
C MET A 230 5.72 23.78 10.86
N VAL A 231 6.05 24.86 10.17
CA VAL A 231 6.54 24.79 8.78
C VAL A 231 8.01 25.16 8.75
N LYS A 232 8.80 24.34 8.04
CA LYS A 232 10.19 24.68 7.83
C LYS A 232 10.30 25.81 6.81
N PRO A 233 11.17 26.80 7.05
CA PRO A 233 11.32 27.88 6.07
C PRO A 233 11.73 27.33 4.70
N GLY A 234 10.96 27.71 3.69
CA GLY A 234 11.22 27.30 2.32
C GLY A 234 10.54 26.02 1.90
N ALA A 235 9.81 25.35 2.81
CA ALA A 235 9.18 24.08 2.51
C ALA A 235 8.04 24.24 1.51
N THR A 236 7.73 23.15 0.81
CA THR A 236 6.61 23.11 -0.12
C THR A 236 5.39 22.52 0.56
N ILE A 237 4.26 23.22 0.49
CA ILE A 237 3.02 22.86 1.19
C ILE A 237 1.95 22.55 0.15
N ILE A 238 1.52 21.29 0.09
CA ILE A 238 0.48 20.83 -0.83
C ILE A 238 -0.77 20.56 0.01
N ASP A 239 -1.81 21.35 -0.21
CA ASP A 239 -3.03 21.30 0.62
C ASP A 239 -4.12 20.56 -0.14
N VAL A 240 -4.36 19.31 0.25
CA VAL A 240 -5.36 18.50 -0.42
C VAL A 240 -6.74 18.61 0.24
N GLY A 241 -6.83 19.11 1.46
CA GLY A 241 -8.11 19.14 2.15
C GLY A 241 -9.04 20.19 1.56
N ILE A 242 -10.35 19.88 1.64
CA ILE A 242 -11.41 20.80 1.21
C ILE A 242 -12.57 20.70 2.18
N THR A 243 -12.73 21.70 3.05
CA THR A 243 -13.78 21.71 4.06
C THR A 243 -14.64 22.96 3.88
N THR A 244 -15.95 22.80 4.09
CA THR A 244 -16.90 23.92 4.05
C THR A 244 -17.04 24.52 5.44
N ARG A 245 -16.84 25.83 5.55
CA ARG A 245 -16.86 26.49 6.84
C ARG A 245 -18.06 27.43 7.00
N LEU A 254 -15.03 26.99 1.16
CA LEU A 254 -14.08 25.90 0.95
C LEU A 254 -12.67 26.29 1.40
N VAL A 255 -12.19 25.64 2.48
CA VAL A 255 -10.84 25.86 2.99
C VAL A 255 -10.12 24.51 3.04
N GLY A 256 -8.79 24.60 3.09
CA GLY A 256 -7.94 23.44 3.22
C GLY A 256 -7.48 23.21 4.64
N ASP A 257 -6.49 22.33 4.81
CA ASP A 257 -5.96 22.02 6.13
C ASP A 257 -4.96 23.04 6.64
N VAL A 258 -4.55 24.01 5.81
CA VAL A 258 -3.45 24.92 6.13
C VAL A 258 -4.01 26.28 6.50
N ASP A 259 -3.37 26.92 7.47
CA ASP A 259 -3.56 28.35 7.76
C ASP A 259 -2.91 29.17 6.65
N TYR A 260 -3.67 29.46 5.60
CA TYR A 260 -3.08 29.85 4.32
C TYR A 260 -2.28 31.14 4.44
N GLU A 261 -2.91 32.22 4.92
CA GLU A 261 -2.24 33.51 4.88
C GLU A 261 -1.03 33.56 5.79
N GLU A 262 -1.05 32.82 6.90
CA GLU A 262 0.12 32.81 7.78
C GLU A 262 1.22 31.89 7.26
N VAL A 263 0.84 30.69 6.78
CA VAL A 263 1.87 29.76 6.32
C VAL A 263 2.55 30.28 5.07
N SER A 264 1.83 31.07 4.26
CA SER A 264 2.42 31.68 3.06
C SER A 264 3.59 32.59 3.36
N LYS A 265 3.73 33.05 4.61
CA LYS A 265 4.86 33.90 4.99
C LYS A 265 6.13 33.13 5.24
N ILE A 266 6.05 31.80 5.36
CA ILE A 266 7.15 30.96 5.77
C ILE A 266 7.49 29.94 4.68
N ALA A 267 6.48 29.30 4.11
CA ALA A 267 6.69 28.27 3.11
C ALA A 267 7.32 28.86 1.84
N GLY A 268 8.10 28.03 1.14
CA GLY A 268 8.63 28.44 -0.15
C GLY A 268 7.63 28.34 -1.28
N ALA A 269 6.64 27.46 -1.13
CA ALA A 269 5.64 27.27 -2.17
C ALA A 269 4.42 26.64 -1.53
N ILE A 270 3.24 27.05 -1.97
CA ILE A 270 1.98 26.61 -1.36
C ILE A 270 0.91 26.52 -2.44
N THR A 271 0.04 25.51 -2.32
CA THR A 271 -1.17 25.44 -3.13
C THR A 271 -2.33 26.13 -2.42
N PRO A 272 -3.07 27.01 -3.09
CA PRO A 272 -4.25 27.61 -2.48
C PRO A 272 -5.44 26.66 -2.50
N VAL A 273 -6.41 26.96 -1.65
CA VAL A 273 -7.70 26.28 -1.68
C VAL A 273 -8.81 27.33 -1.64
N PRO A 274 -9.64 27.47 -2.68
CA PRO A 274 -9.66 26.68 -3.92
C PRO A 274 -8.58 27.08 -4.93
N GLY A 275 -8.56 26.36 -6.06
CA GLY A 275 -7.67 26.67 -7.16
C GLY A 275 -6.34 25.95 -7.15
N GLY A 276 -6.17 24.95 -6.30
CA GLY A 276 -4.91 24.22 -6.23
C GLY A 276 -5.02 22.78 -6.69
N VAL A 277 -5.19 21.86 -5.75
CA VAL A 277 -5.27 20.44 -6.10
C VAL A 277 -6.60 20.10 -6.78
N GLY A 278 -7.68 20.80 -6.41
CA GLY A 278 -9.00 20.50 -6.91
C GLY A 278 -9.17 20.40 -8.43
N PRO A 279 -8.77 21.45 -9.15
CA PRO A 279 -8.84 21.38 -10.63
C PRO A 279 -7.92 20.32 -11.20
N MET A 280 -6.78 20.10 -10.54
CA MET A 280 -5.86 19.07 -10.98
C MET A 280 -6.46 17.67 -10.80
N THR A 281 -7.23 17.45 -9.74
CA THR A 281 -7.93 16.18 -9.58
C THR A 281 -8.81 15.89 -10.79
N VAL A 282 -9.60 16.88 -11.21
CA VAL A 282 -10.52 16.68 -12.33
C VAL A 282 -9.77 16.40 -13.62
N ALA A 283 -8.68 17.13 -13.85
CA ALA A 283 -7.86 16.89 -15.03
C ALA A 283 -7.28 15.49 -15.04
N MET A 284 -6.88 14.98 -13.87
CA MET A 284 -6.36 13.61 -13.81
C MET A 284 -7.47 12.58 -14.01
N LEU A 285 -8.70 12.88 -13.60
CA LEU A 285 -9.80 12.01 -13.97
C LEU A 285 -9.94 11.93 -15.49
N MET A 286 -9.76 13.05 -16.18
CA MET A 286 -9.79 12.98 -17.65
C MET A 286 -8.59 12.21 -18.18
N HIS A 287 -7.41 12.41 -17.60
CA HIS A 287 -6.27 11.58 -17.97
C HIS A 287 -6.59 10.09 -17.85
N ASN A 288 -7.20 9.69 -16.72
CA ASN A 288 -7.51 8.28 -16.48
C ASN A 288 -8.55 7.75 -17.47
N THR A 289 -9.51 8.58 -17.87
CA THR A 289 -10.52 8.12 -18.82
C THR A 289 -9.90 7.87 -20.19
N PHE A 290 -9.02 8.78 -20.64
CA PHE A 290 -8.29 8.57 -21.87
C PHE A 290 -7.39 7.34 -21.78
N GLN A 291 -6.73 7.15 -20.63
CA GLN A 291 -5.89 5.96 -20.47
C GLN A 291 -6.70 4.67 -20.61
N ALA A 292 -7.88 4.62 -19.96
CA ALA A 292 -8.68 3.40 -19.99
C ALA A 292 -9.22 3.12 -21.39
N ALA A 293 -9.70 4.16 -22.08
CA ALA A 293 -10.17 3.99 -23.45
C ALA A 293 -9.06 3.49 -24.37
N GLN A 294 -7.83 3.97 -24.17
CA GLN A 294 -6.73 3.50 -25.00
C GLN A 294 -6.41 2.04 -24.71
N SER A 295 -6.42 1.66 -23.43
CA SER A 295 -6.11 0.28 -23.06
C SER A 295 -7.14 -0.68 -23.63
N GLN A 296 -8.41 -0.31 -23.56
CA GLN A 296 -9.47 -1.17 -24.05
C GLN A 296 -9.41 -1.33 -25.57
N ALA A 297 -9.05 -0.27 -26.29
CA ALA A 297 -8.91 -0.38 -27.74
C ALA A 297 -7.69 -1.21 -28.12
N ASN A 298 -6.62 -1.18 -27.32
CA ASN A 298 -5.42 -1.93 -27.62
C ASN A 298 -5.58 -3.41 -27.30
N LYS A 299 -6.40 -3.74 -26.31
CA LYS A 299 -6.64 -5.12 -25.92
C LYS A 299 -7.48 -5.85 -26.97
N MET B 1 21.08 -3.13 29.92
CA MET B 1 20.98 -4.10 28.83
C MET B 1 19.53 -4.28 28.35
N ALA B 2 19.37 -4.31 27.03
CA ALA B 2 18.03 -4.38 26.45
C ALA B 2 17.42 -5.76 26.62
N ARG B 3 16.09 -5.81 26.72
CA ARG B 3 15.37 -7.07 26.62
C ARG B 3 15.65 -7.73 25.28
N ILE B 4 15.65 -9.05 25.27
CA ILE B 4 15.96 -9.82 24.07
C ILE B 4 14.64 -10.23 23.42
N LEU B 5 14.44 -9.82 22.16
CA LEU B 5 13.27 -10.23 21.40
C LEU B 5 13.62 -11.46 20.58
N ASP B 6 13.66 -12.61 21.25
CA ASP B 6 14.12 -13.87 20.66
C ASP B 6 13.00 -14.47 19.83
N GLY B 7 13.09 -14.32 18.50
CA GLY B 7 12.06 -14.83 17.62
C GLY B 7 11.98 -16.35 17.59
N LYS B 8 13.10 -17.03 17.88
CA LYS B 8 13.07 -18.49 17.89
C LYS B 8 12.17 -19.01 19.00
N ALA B 9 12.33 -18.47 20.21
CA ALA B 9 11.50 -18.91 21.32
C ALA B 9 10.04 -18.48 21.13
N LEU B 10 9.82 -17.28 20.58
CA LEU B 10 8.45 -16.86 20.32
C LEU B 10 7.78 -17.76 19.28
N ALA B 11 8.52 -18.12 18.24
CA ALA B 11 7.97 -18.99 17.21
C ALA B 11 7.54 -20.32 17.79
N MET B 12 8.35 -20.87 18.70
CA MET B 12 7.94 -22.09 19.42
C MET B 12 6.62 -21.89 20.15
N GLU B 13 6.48 -20.79 20.90
CA GLU B 13 5.21 -20.49 21.57
C GLU B 13 4.07 -20.46 20.58
N ILE B 14 4.25 -19.73 19.47
CA ILE B 14 3.22 -19.62 18.45
C ILE B 14 2.89 -20.98 17.83
N LYS B 15 3.91 -21.79 17.53
CA LYS B 15 3.67 -23.08 16.91
C LYS B 15 2.93 -24.02 17.87
N LYS B 16 3.18 -23.89 19.17
CA LYS B 16 2.43 -24.70 20.13
C LYS B 16 0.97 -24.29 20.17
N GLU B 17 0.69 -22.97 20.15
CA GLU B 17 -0.69 -22.52 20.10
C GLU B 17 -1.38 -22.97 18.83
N LEU B 18 -0.70 -22.84 17.69
CA LEU B 18 -1.29 -23.24 16.42
C LEU B 18 -1.62 -24.73 16.43
N LYS B 19 -0.73 -25.56 16.99
CA LYS B 19 -1.02 -26.99 17.08
C LYS B 19 -2.36 -27.23 17.74
N GLN B 20 -2.62 -26.55 18.86
CA GLN B 20 -3.88 -26.71 19.57
C GLN B 20 -5.06 -26.15 18.79
N LYS B 21 -4.90 -24.96 18.19
CA LYS B 21 -6.02 -24.36 17.49
C LYS B 21 -6.42 -25.15 16.26
N ILE B 22 -5.42 -25.69 15.54
CA ILE B 22 -5.70 -26.51 14.36
C ILE B 22 -6.43 -27.78 14.74
N ALA B 23 -6.00 -28.43 15.82
CA ALA B 23 -6.66 -29.65 16.26
C ALA B 23 -8.12 -29.38 16.62
N GLN B 24 -8.39 -28.28 17.32
CA GLN B 24 -9.77 -27.92 17.67
C GLN B 24 -10.63 -27.72 16.42
N TRP B 25 -10.10 -27.01 15.42
CA TRP B 25 -10.85 -26.76 14.19
C TRP B 25 -11.03 -28.05 13.38
N VAL B 26 -10.02 -28.91 13.36
CA VAL B 26 -10.17 -30.19 12.68
C VAL B 26 -11.28 -31.00 13.35
N SER B 27 -11.37 -30.91 14.68
CA SER B 27 -12.36 -31.68 15.44
C SER B 27 -13.79 -31.23 15.20
N LEU B 28 -14.00 -30.07 14.59
CA LEU B 28 -15.33 -29.63 14.20
C LEU B 28 -15.80 -30.28 12.90
N GLY B 29 -14.98 -31.14 12.29
CA GLY B 29 -15.34 -31.77 11.05
C GLY B 29 -14.60 -31.23 9.82
N ASN B 30 -13.36 -30.82 10.01
CA ASN B 30 -12.57 -30.25 8.93
C ASN B 30 -11.32 -31.08 8.68
N ARG B 31 -10.89 -31.09 7.42
CA ARG B 31 -9.62 -31.69 7.07
C ARG B 31 -8.49 -30.78 7.52
N ALA B 32 -7.38 -31.38 7.92
CA ALA B 32 -6.22 -30.59 8.33
C ALA B 32 -5.74 -29.73 7.16
N PRO B 33 -5.24 -28.52 7.42
CA PRO B 33 -4.76 -27.66 6.35
C PRO B 33 -3.63 -28.31 5.57
N THR B 34 -3.62 -28.09 4.25
CA THR B 34 -2.61 -28.64 3.37
C THR B 34 -1.88 -27.53 2.63
N ILE B 35 -0.56 -27.70 2.49
CA ILE B 35 0.28 -26.75 1.77
C ILE B 35 1.15 -27.51 0.76
N ARG B 36 1.31 -26.92 -0.42
CA ARG B 36 2.21 -27.42 -1.45
C ARG B 36 3.26 -26.36 -1.70
N CYS B 37 4.53 -26.74 -1.58
CA CYS B 37 5.65 -25.83 -1.80
CA CYS B 37 5.64 -25.82 -1.82
C CYS B 37 6.36 -26.23 -3.08
N ILE B 38 6.38 -25.33 -4.07
CA ILE B 38 7.03 -25.58 -5.34
C ILE B 38 8.47 -25.09 -5.25
N ILE B 39 9.41 -25.97 -5.59
CA ILE B 39 10.84 -25.72 -5.55
C ILE B 39 11.36 -25.87 -6.98
N VAL B 40 11.94 -24.80 -7.51
CA VAL B 40 12.50 -24.80 -8.85
C VAL B 40 14.02 -24.72 -8.74
N GLY B 41 14.69 -25.82 -9.06
CA GLY B 41 16.13 -25.85 -9.02
C GLY B 41 16.66 -26.61 -7.82
N ASP B 42 17.99 -26.53 -7.67
CA ASP B 42 18.71 -27.27 -6.62
C ASP B 42 19.56 -26.34 -5.78
N ASP B 43 19.15 -25.09 -5.61
CA ASP B 43 19.84 -24.18 -4.72
C ASP B 43 19.82 -24.76 -3.30
N PRO B 44 20.98 -25.09 -2.72
CA PRO B 44 20.98 -25.73 -1.40
C PRO B 44 20.33 -24.90 -0.30
N ALA B 45 20.37 -23.58 -0.41
CA ALA B 45 19.74 -22.73 0.61
C ALA B 45 18.21 -22.75 0.46
N SER B 46 17.72 -22.76 -0.78
CA SER B 46 16.28 -22.83 -0.99
C SER B 46 15.69 -24.14 -0.51
N HIS B 47 16.50 -25.20 -0.45
CA HIS B 47 16.01 -26.48 0.05
C HIS B 47 15.99 -26.52 1.58
N THR B 48 17.00 -25.91 2.21
CA THR B 48 16.97 -25.74 3.66
C THR B 48 15.72 -24.98 4.08
N TYR B 49 15.38 -23.92 3.36
CA TYR B 49 14.22 -23.10 3.72
C TYR B 49 12.92 -23.90 3.58
N VAL B 50 12.80 -24.71 2.53
CA VAL B 50 11.58 -25.49 2.37
C VAL B 50 11.49 -26.61 3.40
N ARG B 51 12.63 -27.22 3.75
CA ARG B 51 12.60 -28.25 4.78
C ARG B 51 12.13 -27.67 6.12
N ASN B 52 12.55 -26.43 6.43
CA ASN B 52 12.09 -25.78 7.66
C ASN B 52 10.58 -25.58 7.65
N LYS B 53 10.01 -25.17 6.51
CA LYS B 53 8.56 -25.00 6.43
C LYS B 53 7.87 -26.35 6.62
N VAL B 54 8.42 -27.41 6.04
CA VAL B 54 7.83 -28.73 6.16
C VAL B 54 7.93 -29.25 7.61
N GLU B 55 9.07 -29.02 8.25
CA GLU B 55 9.20 -29.45 9.65
C GLU B 55 8.22 -28.70 10.55
N ALA B 56 8.01 -27.41 10.30
CA ALA B 56 7.03 -26.72 11.14
C ALA B 56 5.61 -27.17 10.83
N ALA B 57 5.32 -27.50 9.57
CA ALA B 57 4.01 -28.02 9.23
C ALA B 57 3.74 -29.31 10.00
N LYS B 58 4.69 -30.25 9.98
CA LYS B 58 4.55 -31.48 10.75
C LYS B 58 4.28 -31.19 12.21
N PHE B 59 5.01 -30.22 12.77
CA PHE B 59 4.86 -29.92 14.20
C PHE B 59 3.44 -29.47 14.53
N VAL B 60 2.84 -28.60 13.71
CA VAL B 60 1.55 -28.02 14.05
C VAL B 60 0.36 -28.83 13.52
N GLY B 61 0.60 -29.84 12.69
CA GLY B 61 -0.50 -30.63 12.17
C GLY B 61 -0.99 -30.19 10.81
N ILE B 62 -0.16 -29.49 10.05
CA ILE B 62 -0.42 -29.15 8.66
C ILE B 62 0.25 -30.19 7.78
N ASP B 63 -0.42 -30.61 6.72
CA ASP B 63 0.12 -31.60 5.81
C ASP B 63 0.80 -30.90 4.64
N ALA B 64 2.12 -30.99 4.59
CA ALA B 64 2.93 -30.31 3.59
C ALA B 64 3.50 -31.32 2.60
N LEU B 65 3.57 -30.90 1.34
CA LEU B 65 4.18 -31.70 0.29
C LEU B 65 5.02 -30.78 -0.59
N THR B 66 6.25 -31.18 -0.89
CA THR B 66 7.15 -30.38 -1.70
C THR B 66 7.13 -30.90 -3.13
N ILE B 67 6.95 -29.99 -4.08
CA ILE B 67 6.96 -30.33 -5.50
C ILE B 67 8.25 -29.76 -6.08
N ASN B 68 9.16 -30.65 -6.47
CA ASN B 68 10.46 -30.24 -6.99
C ASN B 68 10.38 -30.13 -8.50
N ARG B 69 10.91 -29.03 -9.04
CA ARG B 69 11.01 -28.85 -10.48
C ARG B 69 12.44 -28.46 -10.81
N ASP B 70 12.80 -28.66 -12.08
CA ASP B 70 14.18 -28.42 -12.50
C ASP B 70 14.37 -26.96 -12.91
N SER B 71 15.62 -26.51 -12.81
CA SER B 71 15.94 -25.12 -13.10
C SER B 71 15.54 -24.67 -14.50
N ASP B 72 15.38 -25.62 -15.43
CA ASP B 72 15.07 -25.31 -16.82
C ASP B 72 13.58 -25.32 -17.12
N ILE B 73 12.72 -25.46 -16.11
CA ILE B 73 11.28 -25.44 -16.34
C ILE B 73 10.90 -24.12 -17.00
N THR B 74 9.97 -24.17 -17.94
CA THR B 74 9.52 -22.94 -18.57
C THR B 74 8.45 -22.27 -17.73
N GLU B 75 8.32 -20.95 -17.93
CA GLU B 75 7.27 -20.20 -17.27
C GLU B 75 5.90 -20.78 -17.54
N GLU B 76 5.64 -21.21 -18.79
CA GLU B 76 4.37 -21.83 -19.10
C GLU B 76 4.15 -23.12 -18.32
N GLN B 77 5.23 -23.87 -18.06
CA GLN B 77 5.08 -25.09 -17.28
C GLN B 77 4.84 -24.80 -15.81
N LEU B 78 5.51 -23.79 -15.26
CA LEU B 78 5.30 -23.44 -13.86
C LEU B 78 3.88 -22.93 -13.64
N LEU B 79 3.41 -22.03 -14.51
CA LEU B 79 2.05 -21.52 -14.37
C LEU B 79 1.02 -22.63 -14.57
N SER B 80 1.32 -23.61 -15.42
CA SER B 80 0.39 -24.72 -15.60
C SER B 80 0.25 -25.55 -14.33
N GLU B 81 1.36 -25.78 -13.62
CA GLU B 81 1.28 -26.55 -12.39
CA GLU B 81 1.29 -26.55 -12.39
C GLU B 81 0.58 -25.77 -11.29
N ILE B 82 0.78 -24.45 -11.25
CA ILE B 82 0.09 -23.63 -10.25
C ILE B 82 -1.41 -23.67 -10.50
N GLN B 83 -1.83 -23.53 -11.76
CA GLN B 83 -3.26 -23.53 -12.06
C GLN B 83 -3.90 -24.87 -11.72
N ASN B 84 -3.16 -25.97 -11.88
CA ASN B 84 -3.67 -27.27 -11.45
C ASN B 84 -3.86 -27.30 -9.93
N LEU B 85 -2.88 -26.79 -9.18
CA LEU B 85 -3.02 -26.72 -7.73
C LEU B 85 -4.15 -25.78 -7.33
N ASN B 86 -4.37 -24.71 -8.12
CA ASN B 86 -5.49 -23.81 -7.89
C ASN B 86 -6.81 -24.57 -7.93
N GLU B 87 -6.96 -25.50 -8.88
CA GLU B 87 -8.22 -26.20 -9.06
C GLU B 87 -8.36 -27.46 -8.21
N ASP B 88 -7.33 -27.82 -7.45
CA ASP B 88 -7.34 -29.04 -6.63
C ASP B 88 -7.89 -28.71 -5.24
N ASN B 89 -9.12 -29.15 -4.98
CA ASN B 89 -9.80 -28.87 -3.70
C ASN B 89 -9.10 -29.52 -2.51
N SER B 90 -8.16 -30.43 -2.72
CA SER B 90 -7.42 -31.05 -1.62
C SER B 90 -6.22 -30.21 -1.21
N VAL B 91 -5.97 -29.10 -1.89
CA VAL B 91 -4.85 -28.21 -1.61
C VAL B 91 -5.41 -26.90 -1.08
N ASP B 92 -4.99 -26.51 0.13
CA ASP B 92 -5.45 -25.28 0.75
C ASP B 92 -4.49 -24.13 0.54
N GLY B 93 -3.19 -24.41 0.44
CA GLY B 93 -2.20 -23.36 0.34
C GLY B 93 -1.13 -23.69 -0.68
N ILE B 94 -0.68 -22.68 -1.42
CA ILE B 94 0.35 -22.84 -2.44
C ILE B 94 1.44 -21.82 -2.18
N LEU B 95 2.69 -22.29 -2.13
CA LEU B 95 3.85 -21.44 -2.02
C LEU B 95 4.81 -21.74 -3.16
N VAL B 96 5.44 -20.70 -3.70
CA VAL B 96 6.56 -20.87 -4.61
C VAL B 96 7.81 -20.34 -3.92
N GLN B 97 8.81 -21.19 -3.75
CA GLN B 97 10.05 -20.77 -3.11
C GLN B 97 10.72 -19.70 -3.96
N LEU B 98 11.15 -18.61 -3.31
CA LEU B 98 11.42 -17.36 -4.02
C LEU B 98 12.88 -17.11 -4.41
N PRO B 99 13.61 -18.11 -4.87
CA PRO B 99 14.60 -17.84 -5.92
C PRO B 99 14.25 -18.60 -7.19
N VAL B 100 13.52 -17.93 -8.07
CA VAL B 100 13.06 -18.52 -9.32
C VAL B 100 13.94 -17.99 -10.45
N PRO B 101 14.29 -18.81 -11.47
CA PRO B 101 15.23 -18.37 -12.50
C PRO B 101 14.86 -17.05 -13.19
N ASP B 102 15.86 -16.41 -13.80
CA ASP B 102 15.63 -15.16 -14.52
C ASP B 102 14.75 -15.37 -15.74
N THR B 103 14.62 -16.60 -16.22
CA THR B 103 13.71 -16.88 -17.33
C THR B 103 12.27 -16.49 -16.97
N ILE B 104 11.88 -16.71 -15.71
CA ILE B 104 10.48 -16.65 -15.30
C ILE B 104 10.20 -15.29 -14.67
N ASN B 105 9.11 -14.65 -15.10
CA ASN B 105 8.69 -13.40 -14.50
C ASN B 105 8.06 -13.68 -13.14
N GLU B 106 8.70 -13.19 -12.07
CA GLU B 106 8.21 -13.43 -10.72
C GLU B 106 6.84 -12.83 -10.50
N ARG B 107 6.58 -11.68 -11.12
CA ARG B 107 5.28 -11.03 -10.98
C ARG B 107 4.16 -11.91 -11.51
N ARG B 108 4.36 -12.53 -12.68
CA ARG B 108 3.33 -13.41 -13.23
C ARG B 108 3.10 -14.60 -12.33
N VAL B 109 4.18 -15.12 -11.73
CA VAL B 109 4.06 -16.27 -10.83
C VAL B 109 3.21 -15.90 -9.62
N CYS B 110 3.56 -14.79 -8.96
CA CYS B 110 2.82 -14.36 -7.77
C CYS B 110 1.34 -14.23 -8.07
N ASP B 111 0.99 -13.68 -9.23
CA ASP B 111 -0.39 -13.39 -9.56
C ASP B 111 -1.13 -14.58 -10.18
N ALA B 112 -0.42 -15.68 -10.47
CA ALA B 112 -1.06 -16.90 -10.94
C ALA B 112 -1.61 -17.74 -9.81
N ILE B 113 -1.10 -17.58 -8.59
CA ILE B 113 -1.62 -18.32 -7.45
C ILE B 113 -2.97 -17.76 -7.05
N ALA B 114 -3.96 -18.65 -6.88
CA ALA B 114 -5.28 -18.20 -6.46
C ALA B 114 -5.15 -17.40 -5.17
N PRO B 115 -5.70 -16.18 -5.10
CA PRO B 115 -5.53 -15.37 -3.88
C PRO B 115 -5.95 -16.10 -2.62
N GLU B 116 -7.00 -16.92 -2.71
CA GLU B 116 -7.51 -17.66 -1.56
C GLU B 116 -6.53 -18.70 -1.04
N LYS B 117 -5.54 -19.11 -1.84
CA LYS B 117 -4.51 -20.08 -1.47
C LYS B 117 -3.12 -19.46 -1.42
N ASP B 118 -3.01 -18.14 -1.49
CA ASP B 118 -1.72 -17.46 -1.64
C ASP B 118 -1.10 -17.23 -0.26
N ILE B 119 -0.43 -18.27 0.24
CA ILE B 119 0.06 -18.24 1.62
C ILE B 119 1.11 -17.15 1.84
N ASP B 120 1.89 -16.82 0.80
CA ASP B 120 2.88 -15.76 0.92
C ASP B 120 2.26 -14.37 0.88
N GLY B 121 1.01 -14.27 0.45
CA GLY B 121 0.34 -12.97 0.39
C GLY B 121 0.91 -12.03 -0.63
N PHE B 122 1.54 -12.54 -1.68
CA PHE B 122 2.16 -11.66 -2.65
C PHE B 122 1.28 -11.33 -3.85
N HIS B 123 0.13 -12.00 -4.00
CA HIS B 123 -0.79 -11.69 -5.09
C HIS B 123 -1.28 -10.25 -4.96
N ILE B 124 -1.42 -9.56 -6.10
CA ILE B 124 -1.79 -8.14 -6.05
C ILE B 124 -3.11 -7.93 -5.31
N ILE B 125 -4.04 -8.88 -5.42
CA ILE B 125 -5.31 -8.75 -4.70
C ILE B 125 -5.07 -8.80 -3.19
N ASN B 126 -4.17 -9.67 -2.74
CA ASN B 126 -3.90 -9.73 -1.31
C ASN B 126 -3.14 -8.50 -0.83
N ILE B 127 -2.19 -8.03 -1.64
CA ILE B 127 -1.46 -6.81 -1.30
C ILE B 127 -2.39 -5.63 -1.31
N GLY B 128 -3.29 -5.57 -2.30
CA GLY B 128 -4.26 -4.50 -2.35
C GLY B 128 -5.12 -4.42 -1.10
N ARG B 129 -5.60 -5.57 -0.62
CA ARG B 129 -6.42 -5.58 0.58
CA ARG B 129 -6.42 -5.58 0.58
C ARG B 129 -5.61 -5.15 1.80
N LEU B 130 -4.33 -5.57 1.87
CA LEU B 130 -3.48 -5.10 2.96
C LEU B 130 -3.40 -3.57 2.97
N CYS B 131 -3.24 -2.99 1.79
CA CYS B 131 -2.92 -1.57 1.72
C CYS B 131 -4.14 -0.69 1.93
N VAL B 132 -5.34 -1.20 1.74
CA VAL B 132 -6.54 -0.46 2.11
C VAL B 132 -6.99 -0.85 3.50
N ASP B 133 -6.14 -1.60 4.22
CA ASP B 133 -6.33 -1.90 5.64
C ASP B 133 -7.59 -2.73 5.88
N LEU B 134 -7.76 -3.79 5.07
CA LEU B 134 -8.84 -4.78 4.98
C LEU B 134 -8.30 -6.18 5.29
N PRO B 135 -9.12 -7.11 5.78
CA PRO B 135 -8.59 -8.45 6.11
C PRO B 135 -8.09 -9.19 4.87
N THR B 136 -6.92 -9.79 4.98
CA THR B 136 -6.29 -10.40 3.81
C THR B 136 -5.33 -11.49 4.28
N ILE B 137 -4.60 -12.08 3.34
CA ILE B 137 -3.43 -12.88 3.67
C ILE B 137 -2.23 -11.95 3.63
N VAL B 138 -1.55 -11.80 4.76
CA VAL B 138 -0.47 -10.83 4.92
C VAL B 138 0.88 -11.52 4.73
N PRO B 139 1.86 -10.88 4.08
CA PRO B 139 3.17 -11.51 3.91
C PRO B 139 3.78 -11.91 5.25
N ALA B 140 4.44 -13.06 5.27
CA ALA B 140 4.74 -13.73 6.53
C ALA B 140 5.82 -13.02 7.34
N THR B 141 6.88 -12.53 6.68
CA THR B 141 7.93 -11.83 7.43
C THR B 141 7.39 -10.54 8.03
N ALA B 142 6.58 -9.80 7.28
CA ALA B 142 5.96 -8.60 7.85
C ALA B 142 5.05 -8.97 9.02
N LEU B 143 4.27 -10.03 8.87
CA LEU B 143 3.41 -10.45 9.96
C LEU B 143 4.23 -10.87 11.16
N ALA B 144 5.40 -11.49 10.92
CA ALA B 144 6.27 -11.91 12.02
C ALA B 144 6.77 -10.71 12.81
N VAL B 145 7.22 -9.65 12.13
CA VAL B 145 7.65 -8.44 12.82
C VAL B 145 6.51 -7.88 13.67
N VAL B 146 5.32 -7.75 13.08
CA VAL B 146 4.18 -7.22 13.80
C VAL B 146 3.87 -8.09 15.02
N GLU B 147 3.99 -9.41 14.86
CA GLU B 147 3.72 -10.32 15.97
C GLU B 147 4.77 -10.21 17.07
N MET B 148 6.02 -9.97 16.72
CA MET B 148 7.04 -9.77 17.74
C MET B 148 6.73 -8.53 18.56
N LEU B 149 6.26 -7.46 17.92
CA LEU B 149 5.91 -6.24 18.64
C LEU B 149 4.74 -6.47 19.58
N LYS B 150 3.70 -7.16 19.09
CA LYS B 150 2.52 -7.39 19.91
C LYS B 150 2.82 -8.34 21.06
N ARG B 151 3.59 -9.40 20.80
CA ARG B 151 3.79 -10.39 21.86
C ARG B 151 4.73 -9.87 22.94
N PHE B 152 5.63 -8.94 22.61
CA PHE B 152 6.52 -8.39 23.63
C PHE B 152 6.00 -7.08 24.21
N ASN B 153 4.74 -6.74 23.92
CA ASN B 153 4.09 -5.59 24.53
CA ASN B 153 4.06 -5.59 24.50
C ASN B 153 4.80 -4.29 24.20
N ILE B 154 5.22 -4.17 22.96
CA ILE B 154 5.89 -2.96 22.50
C ILE B 154 4.81 -1.99 22.06
N ASP B 155 4.82 -0.80 22.63
CA ASP B 155 3.80 0.19 22.32
C ASP B 155 4.04 0.77 20.94
N THR B 156 3.02 0.67 20.08
CA THR B 156 3.05 1.28 18.75
C THR B 156 2.11 2.46 18.62
N PHE B 157 0.98 2.47 19.35
CA PHE B 157 -0.05 3.48 19.15
C PHE B 157 0.48 4.89 19.42
N GLY B 158 0.54 5.72 18.37
CA GLY B 158 1.07 7.06 18.51
C GLY B 158 2.57 7.14 18.70
N ARG B 159 3.30 6.03 18.56
CA ARG B 159 4.74 6.06 18.72
C ARG B 159 5.40 6.30 17.36
N ASN B 160 6.64 6.78 17.40
CA ASN B 160 7.44 7.04 16.19
C ASN B 160 8.14 5.76 15.75
N ALA B 161 7.82 5.27 14.55
CA ALA B 161 8.42 4.04 14.05
C ALA B 161 9.14 4.38 12.76
N VAL B 162 10.39 3.95 12.66
CA VAL B 162 11.14 4.11 11.40
C VAL B 162 11.32 2.72 10.82
N VAL B 163 10.96 2.56 9.54
CA VAL B 163 11.21 1.31 8.82
C VAL B 163 12.28 1.63 7.80
N ILE B 164 13.43 0.96 7.88
CA ILE B 164 14.53 1.15 6.94
C ILE B 164 14.40 0.06 5.89
N GLY B 165 13.95 0.42 4.70
CA GLY B 165 13.70 -0.57 3.65
C GLY B 165 12.28 -0.42 3.16
N ARG B 166 12.10 -0.38 1.84
CA ARG B 166 10.81 -0.21 1.18
C ARG B 166 10.46 -1.36 0.25
N SER B 167 11.11 -2.51 0.39
CA SER B 167 10.86 -3.61 -0.54
C SER B 167 9.38 -4.01 -0.54
N LYS B 168 8.89 -4.41 -1.72
CA LYS B 168 7.46 -4.70 -1.81
C LYS B 168 7.07 -5.95 -1.05
N ASN B 169 8.03 -6.87 -0.88
CA ASN B 169 7.72 -8.11 -0.17
CA ASN B 169 7.78 -8.13 -0.18
C ASN B 169 7.85 -7.99 1.33
N VAL B 170 8.66 -7.05 1.84
CA VAL B 170 8.96 -7.01 3.27
C VAL B 170 8.82 -5.61 3.84
N GLY B 171 9.60 -4.65 3.37
CA GLY B 171 9.59 -3.34 3.99
C GLY B 171 8.25 -2.62 3.85
N MET B 172 7.65 -2.69 2.67
CA MET B 172 6.39 -2.00 2.45
C MET B 172 5.28 -2.62 3.30
N PRO B 173 5.10 -3.93 3.31
CA PRO B 173 4.03 -4.48 4.17
C PRO B 173 4.28 -4.21 5.65
N ILE B 174 5.53 -4.16 6.11
CA ILE B 174 5.77 -3.82 7.51
C ILE B 174 5.29 -2.41 7.80
N ALA B 175 5.71 -1.44 6.97
CA ALA B 175 5.26 -0.06 7.19
C ALA B 175 3.76 0.06 7.14
N MET B 176 3.11 -0.65 6.19
CA MET B 176 1.67 -0.56 6.03
CA MET B 176 1.67 -0.55 6.04
C MET B 176 0.95 -1.00 7.29
N MET B 177 1.39 -2.11 7.87
CA MET B 177 0.68 -2.56 9.05
CA MET B 177 0.77 -2.65 9.09
C MET B 177 1.03 -1.75 10.29
N LEU B 178 2.25 -1.23 10.37
CA LEU B 178 2.62 -0.42 11.52
C LEU B 178 1.75 0.82 11.64
N HIS B 179 1.25 1.35 10.51
CA HIS B 179 0.36 2.49 10.55
C HIS B 179 -1.10 2.08 10.27
N SER B 180 -1.43 0.81 10.49
CA SER B 180 -2.83 0.42 10.29
C SER B 180 -3.69 1.07 11.38
N ASP B 181 -4.95 1.31 11.05
CA ASP B 181 -5.93 1.77 12.03
C ASP B 181 -6.62 0.54 12.61
N LYS B 182 -6.51 0.38 13.92
CA LYS B 182 -7.08 -0.80 14.57
C LYS B 182 -8.56 -0.95 14.24
N ARG B 183 -9.29 0.18 14.22
CA ARG B 183 -10.74 0.12 14.09
C ARG B 183 -11.18 -0.53 12.78
N HIS B 184 -10.33 -0.48 11.76
CA HIS B 184 -10.73 -1.00 10.47
C HIS B 184 -10.92 -2.52 10.52
N GLU B 185 -11.68 -3.01 9.53
CA GLU B 185 -12.07 -4.42 9.49
CA GLU B 185 -12.07 -4.41 9.54
C GLU B 185 -10.86 -5.35 9.56
N SER B 186 -9.73 -4.91 9.02
CA SER B 186 -8.51 -5.74 9.07
C SER B 186 -8.14 -6.10 10.50
N GLY B 187 -8.23 -5.13 11.42
CA GLY B 187 -7.88 -5.36 12.80
C GLY B 187 -6.40 -5.47 13.09
N LEU B 188 -5.55 -5.44 12.07
CA LEU B 188 -4.11 -5.49 12.31
C LEU B 188 -3.54 -4.10 12.61
N GLY B 189 -4.25 -3.35 13.45
CA GLY B 189 -4.07 -1.92 13.60
C GLY B 189 -3.14 -1.45 14.70
N MET B 190 -1.96 -1.02 14.29
CA MET B 190 -0.93 -0.61 15.23
CA MET B 190 -0.91 -0.61 15.21
C MET B 190 -0.87 0.90 15.45
N ASP B 191 -1.28 1.70 14.47
CA ASP B 191 -1.48 3.15 14.67
C ASP B 191 -0.18 3.86 15.07
N ALA B 192 0.96 3.36 14.63
CA ALA B 192 2.20 4.13 14.80
C ALA B 192 2.30 5.22 13.75
N THR B 193 3.15 6.22 14.03
CA THR B 193 3.56 7.24 13.07
C THR B 193 4.82 6.71 12.39
N VAL B 194 4.76 6.42 11.09
CA VAL B 194 5.78 5.61 10.43
C VAL B 194 6.56 6.48 9.47
N THR B 195 7.89 6.42 9.54
CA THR B 195 8.73 7.02 8.51
C THR B 195 9.34 5.89 7.71
N ILE B 196 9.24 5.97 6.38
CA ILE B 196 9.83 4.99 5.48
C ILE B 196 11.14 5.60 5.00
N CYS B 197 12.25 5.01 5.42
CA CYS B 197 13.57 5.35 4.92
C CYS B 197 14.01 4.26 3.95
N HIS B 198 14.94 4.62 3.08
CA HIS B 198 15.30 3.67 2.01
C HIS B 198 16.68 4.04 1.47
N ARG B 199 17.04 3.40 0.35
CA ARG B 199 18.39 3.49 -0.18
C ARG B 199 18.81 4.91 -0.50
N TYR B 200 17.87 5.81 -0.78
CA TYR B 200 18.22 7.17 -1.14
C TYR B 200 18.01 8.19 -0.01
N THR B 201 17.59 7.74 1.17
CA THR B 201 17.56 8.63 2.32
C THR B 201 18.99 9.04 2.67
N PRO B 202 19.28 10.33 2.76
CA PRO B 202 20.64 10.77 3.15
C PRO B 202 20.99 10.29 4.55
N LYS B 203 22.27 9.98 4.72
CA LYS B 203 22.77 9.41 5.97
C LYS B 203 22.41 10.28 7.18
N ASP B 204 22.66 11.58 7.09
CA ASP B 204 22.38 12.45 8.23
C ASP B 204 20.89 12.52 8.54
N LYS B 205 20.04 12.48 7.51
CA LYS B 205 18.59 12.46 7.77
C LYS B 205 18.16 11.16 8.39
N LEU B 206 18.70 10.04 7.91
CA LEU B 206 18.38 8.74 8.50
C LEU B 206 18.74 8.73 9.98
N GLU B 207 19.91 9.26 10.30
CA GLU B 207 20.34 9.25 11.70
C GLU B 207 19.43 10.11 12.56
N ALA B 208 18.99 11.27 12.05
CA ALA B 208 18.05 12.11 12.79
C ALA B 208 16.71 11.40 13.00
N TYR B 209 16.18 10.75 11.96
CA TYR B 209 14.93 10.02 12.16
C TYR B 209 15.09 8.91 13.20
N CYS B 210 16.22 8.20 13.17
CA CYS B 210 16.42 7.09 14.09
C CYS B 210 16.55 7.59 15.51
N ARG B 211 17.21 8.74 15.71
CA ARG B 211 17.39 9.26 17.07
C ARG B 211 16.08 9.64 17.71
N ASN B 212 15.07 9.95 16.90
CA ASN B 212 13.77 10.33 17.44
C ASN B 212 12.77 9.17 17.43
N ALA B 213 13.21 7.97 17.08
CA ALA B 213 12.29 6.84 16.89
C ALA B 213 12.14 6.05 18.18
N ASP B 214 10.90 5.67 18.48
CA ASP B 214 10.67 4.68 19.52
C ASP B 214 10.88 3.26 19.04
N ILE B 215 10.76 3.00 17.74
CA ILE B 215 10.92 1.68 17.15
C ILE B 215 11.69 1.87 15.87
N ILE B 216 12.73 1.06 15.66
CA ILE B 216 13.44 0.98 14.38
C ILE B 216 13.37 -0.44 13.88
N ILE B 217 12.94 -0.62 12.63
CA ILE B 217 12.89 -1.91 11.98
CA ILE B 217 12.88 -1.91 11.97
C ILE B 217 13.77 -1.83 10.75
N THR B 218 14.83 -2.64 10.71
CA THR B 218 15.74 -2.68 9.55
CA THR B 218 15.70 -2.64 9.53
C THR B 218 15.35 -3.86 8.66
N ALA B 219 14.77 -3.56 7.49
CA ALA B 219 14.26 -4.57 6.58
C ALA B 219 14.97 -4.57 5.24
N THR B 220 15.91 -3.66 5.06
CA THR B 220 16.55 -3.51 3.78
C THR B 220 17.59 -4.59 3.53
N GLY B 221 17.77 -4.94 2.27
CA GLY B 221 18.78 -5.88 1.85
C GLY B 221 20.14 -5.26 1.61
N LEU B 222 20.21 -3.95 1.59
CA LEU B 222 21.44 -3.20 1.44
C LEU B 222 22.09 -2.95 2.79
N PRO B 223 23.41 -2.91 2.86
CA PRO B 223 24.06 -2.76 4.17
C PRO B 223 23.74 -1.45 4.85
N LYS B 224 23.04 -1.52 5.97
CA LYS B 224 22.88 -0.40 6.88
C LYS B 224 23.58 -0.75 8.18
N LEU B 225 23.86 0.26 8.98
CA LEU B 225 24.41 0.02 10.31
C LEU B 225 23.70 0.93 11.29
N ILE B 226 22.98 0.33 12.23
CA ILE B 226 22.42 1.06 13.36
C ILE B 226 23.49 1.13 14.43
N LYS B 227 23.97 2.33 14.71
CA LYS B 227 24.96 2.56 15.75
C LYS B 227 24.29 3.12 16.99
N ALA B 228 25.00 3.01 18.12
CA ALA B 228 24.41 3.42 19.40
C ALA B 228 24.02 4.89 19.40
N ASP B 229 24.75 5.75 18.68
CA ASP B 229 24.39 7.16 18.65
C ASP B 229 23.16 7.44 17.81
N MET B 230 22.60 6.42 17.15
CA MET B 230 21.38 6.57 16.38
C MET B 230 20.15 6.16 17.18
N VAL B 231 20.31 5.68 18.40
CA VAL B 231 19.23 5.00 19.11
C VAL B 231 18.75 5.87 20.25
N LYS B 232 17.46 6.07 20.31
CA LYS B 232 16.85 6.73 21.45
C LYS B 232 16.91 5.79 22.65
N PRO B 233 17.33 6.25 23.83
CA PRO B 233 17.34 5.35 24.98
C PRO B 233 15.97 4.72 25.21
N GLY B 234 15.95 3.41 25.38
CA GLY B 234 14.72 2.67 25.58
C GLY B 234 13.99 2.28 24.31
N ALA B 235 14.54 2.57 23.12
CA ALA B 235 13.84 2.25 21.88
C ALA B 235 13.92 0.74 21.58
N THR B 236 13.04 0.30 20.69
CA THR B 236 12.96 -1.10 20.30
C THR B 236 13.58 -1.22 18.92
N ILE B 237 14.52 -2.15 18.78
CA ILE B 237 15.27 -2.36 17.55
C ILE B 237 15.00 -3.78 17.08
N ILE B 238 14.43 -3.91 15.88
CA ILE B 238 14.20 -5.22 15.27
C ILE B 238 14.97 -5.29 13.96
N ASP B 239 15.92 -6.22 13.89
CA ASP B 239 16.66 -6.51 12.66
C ASP B 239 15.98 -7.67 11.94
N VAL B 240 15.43 -7.40 10.75
CA VAL B 240 14.68 -8.43 10.04
C VAL B 240 15.61 -9.51 9.49
N GLY B 241 16.89 -9.17 9.29
CA GLY B 241 17.85 -10.15 8.84
C GLY B 241 17.92 -10.34 7.33
N ILE B 242 17.47 -9.36 6.56
CA ILE B 242 17.60 -9.37 5.11
C ILE B 242 19.00 -8.86 4.77
N THR B 243 19.56 -9.32 3.67
CA THR B 243 21.00 -9.12 3.54
C THR B 243 21.50 -8.85 2.12
N ARG B 253 27.12 -14.60 3.66
CA ARG B 253 25.83 -14.41 2.99
C ARG B 253 24.98 -13.41 3.78
N LEU B 254 24.19 -13.93 4.72
CA LEU B 254 23.39 -13.08 5.59
C LEU B 254 24.25 -12.41 6.64
N VAL B 255 23.84 -11.20 7.04
CA VAL B 255 24.59 -10.40 8.00
C VAL B 255 23.60 -9.76 8.97
N GLY B 256 24.14 -8.98 9.90
CA GLY B 256 23.34 -8.23 10.85
C GLY B 256 23.53 -6.74 10.64
N ASP B 257 22.45 -5.99 10.89
CA ASP B 257 22.41 -4.57 10.57
C ASP B 257 22.60 -3.68 11.79
N VAL B 258 22.98 -4.25 12.93
CA VAL B 258 23.00 -3.53 14.20
C VAL B 258 24.33 -3.76 14.89
N ASP B 259 24.89 -2.69 15.44
CA ASP B 259 26.06 -2.79 16.31
C ASP B 259 25.54 -3.31 17.65
N TYR B 260 25.38 -4.64 17.72
CA TYR B 260 24.62 -5.25 18.81
C TYR B 260 25.22 -4.90 20.17
N GLU B 261 26.54 -5.03 20.32
CA GLU B 261 27.15 -4.86 21.63
C GLU B 261 26.89 -3.46 22.18
N GLU B 262 27.05 -2.43 21.34
CA GLU B 262 26.85 -1.07 21.83
C GLU B 262 25.38 -0.70 21.88
N VAL B 263 24.60 -1.09 20.87
CA VAL B 263 23.20 -0.71 20.84
C VAL B 263 22.42 -1.39 21.96
N SER B 264 22.82 -2.61 22.33
CA SER B 264 22.19 -3.31 23.45
C SER B 264 22.32 -2.53 24.76
N LYS B 265 23.36 -1.68 24.88
CA LYS B 265 23.52 -0.83 26.05
C LYS B 265 22.57 0.36 26.06
N ILE B 266 21.92 0.66 24.95
CA ILE B 266 21.07 1.83 24.82
C ILE B 266 19.60 1.45 24.65
N ALA B 267 19.32 0.46 23.82
CA ALA B 267 17.97 0.11 23.44
C ALA B 267 17.20 -0.47 24.62
N GLY B 268 15.87 -0.35 24.56
CA GLY B 268 15.02 -1.02 25.54
C GLY B 268 14.75 -2.48 25.20
N ALA B 269 14.73 -2.82 23.91
CA ALA B 269 14.46 -4.19 23.48
C ALA B 269 15.14 -4.36 22.14
N ILE B 270 15.67 -5.55 21.86
CA ILE B 270 16.46 -5.75 20.65
C ILE B 270 16.38 -7.20 20.21
N THR B 271 16.41 -7.41 18.90
CA THR B 271 16.62 -8.76 18.39
C THR B 271 18.03 -9.24 18.74
N PRO B 272 18.19 -10.50 19.13
CA PRO B 272 19.52 -11.07 19.34
C PRO B 272 20.17 -11.40 17.99
N VAL B 273 21.35 -11.99 18.06
CA VAL B 273 22.08 -12.41 16.86
C VAL B 273 22.34 -13.91 16.95
N PRO B 274 21.66 -14.76 16.16
CA PRO B 274 20.66 -14.40 15.15
C PRO B 274 19.33 -14.01 15.78
N GLY B 275 18.49 -13.31 15.02
CA GLY B 275 17.27 -12.76 15.58
C GLY B 275 16.12 -13.74 15.71
N GLY B 276 16.16 -14.86 14.98
CA GLY B 276 15.02 -15.75 14.95
C GLY B 276 13.87 -15.28 14.09
N VAL B 277 14.08 -14.28 13.24
CA VAL B 277 13.01 -13.81 12.38
C VAL B 277 12.64 -14.88 11.36
N GLY B 278 13.61 -15.69 10.95
CA GLY B 278 13.37 -16.82 10.08
C GLY B 278 12.35 -17.79 10.65
N PRO B 279 12.62 -18.31 11.85
CA PRO B 279 11.62 -19.17 12.51
C PRO B 279 10.27 -18.49 12.71
N MET B 280 10.26 -17.19 13.01
CA MET B 280 9.01 -16.46 13.12
C MET B 280 8.28 -16.37 11.78
N THR B 281 9.02 -16.14 10.70
CA THR B 281 8.41 -16.13 9.38
C THR B 281 7.76 -17.48 9.07
N VAL B 282 8.45 -18.58 9.38
CA VAL B 282 7.91 -19.89 9.09
C VAL B 282 6.65 -20.15 9.91
N ALA B 283 6.66 -19.75 11.19
CA ALA B 283 5.46 -19.88 12.02
C ALA B 283 4.31 -19.07 11.45
N MET B 284 4.60 -17.87 10.92
CA MET B 284 3.53 -17.09 10.31
C MET B 284 3.04 -17.69 9.01
N LEU B 285 3.90 -18.35 8.23
CA LEU B 285 3.43 -19.10 7.07
C LEU B 285 2.43 -20.18 7.49
N MET B 286 2.68 -20.82 8.63
CA MET B 286 1.74 -21.83 9.13
C MET B 286 0.44 -21.19 9.57
N HIS B 287 0.53 -20.03 10.25
CA HIS B 287 -0.67 -19.26 10.55
C HIS B 287 -1.48 -18.97 9.29
N ASN B 288 -0.80 -18.52 8.23
CA ASN B 288 -1.49 -18.17 7.00
C ASN B 288 -2.13 -19.38 6.34
N THR B 289 -1.50 -20.56 6.44
CA THR B 289 -2.09 -21.76 5.86
C THR B 289 -3.35 -22.16 6.59
N PHE B 290 -3.32 -22.10 7.92
CA PHE B 290 -4.49 -22.34 8.75
C PHE B 290 -5.58 -21.31 8.49
N GLN B 291 -5.19 -20.02 8.38
CA GLN B 291 -6.18 -19.00 8.04
C GLN B 291 -6.84 -19.28 6.70
N ALA B 292 -6.06 -19.66 5.70
CA ALA B 292 -6.64 -19.94 4.37
C ALA B 292 -7.57 -21.13 4.43
N ALA B 293 -7.17 -22.21 5.11
CA ALA B 293 -8.02 -23.38 5.20
C ALA B 293 -9.35 -23.07 5.86
N GLN B 294 -9.34 -22.20 6.88
CA GLN B 294 -10.59 -21.84 7.52
C GLN B 294 -11.47 -21.02 6.59
N SER B 295 -10.88 -20.04 5.89
CA SER B 295 -11.66 -19.21 4.97
CA SER B 295 -11.67 -19.21 5.00
C SER B 295 -12.32 -20.05 3.89
N GLN B 296 -11.58 -21.01 3.34
CA GLN B 296 -12.13 -21.83 2.25
C GLN B 296 -13.25 -22.71 2.77
N ALA B 297 -13.09 -23.25 3.98
CA ALA B 297 -14.15 -24.08 4.56
C ALA B 297 -15.39 -23.26 4.86
N ASN B 298 -15.21 -21.98 5.23
CA ASN B 298 -16.35 -21.11 5.50
C ASN B 298 -17.13 -20.81 4.22
N LYS B 299 -16.42 -20.47 3.14
CA LYS B 299 -17.05 -20.08 1.88
C LYS B 299 -17.63 -21.27 1.13
#